data_1JY5
#
_entry.id   1JY5
#
_cell.length_a   121.687
_cell.length_b   121.687
_cell.length_c   66.059
_cell.angle_alpha   90
_cell.angle_beta   90
_cell.angle_gamma   120
#
_symmetry.space_group_name_H-M   'P 62'
#
loop_
_entity.id
_entity.type
_entity.pdbx_description
1 polymer CalsepRRP
2 water water
#
_entity_poly.entity_id   1
_entity_poly.type   'polypeptide(L)'
_entity_poly.pdbx_seq_one_letter_code
;GHKEFDYFTLALTWSGTECLSVKDSCPTNACSRSEVETGFTIKGLWPDYDDGTWPSCCEGAKYDQNEISILSNDLSKYWP
SYSCPSSSACGSFDASDLAYEWAKHGTCSSPVLGNQYEYFSTTLMLYFKYNISEILSESGYLPSNTAEYKVEGIMSAIQS
ALRVTPVVKCKSDAVEQVQICFDKTLQLQECPSTASTCPSLVSLPIKNTIKP
;
_entity_poly.pdbx_strand_id   A,B
#
# COMPACT_ATOMS: atom_id res chain seq x y z
N HIS A 2 20.30 -8.84 -10.17
CA HIS A 2 20.30 -8.55 -8.70
C HIS A 2 20.89 -9.73 -7.93
N LYS A 3 21.24 -9.49 -6.67
CA LYS A 3 21.78 -10.54 -5.81
C LYS A 3 20.67 -11.55 -5.56
N GLU A 4 21.01 -12.84 -5.56
CA GLU A 4 19.99 -13.86 -5.30
C GLU A 4 19.51 -13.64 -3.87
N PHE A 5 18.23 -13.88 -3.64
CA PHE A 5 17.65 -13.70 -2.31
C PHE A 5 18.30 -14.64 -1.30
N ASP A 6 18.23 -14.28 -0.02
CA ASP A 6 18.85 -15.08 1.04
C ASP A 6 17.93 -16.12 1.67
N TYR A 7 16.70 -15.72 1.97
CA TYR A 7 15.76 -16.64 2.59
C TYR A 7 14.33 -16.30 2.19
N PHE A 8 13.42 -17.21 2.54
CA PHE A 8 12.00 -17.07 2.24
C PHE A 8 11.21 -16.63 3.48
N THR A 9 10.30 -15.68 3.30
CA THR A 9 9.42 -15.29 4.40
C THR A 9 8.02 -15.70 3.99
N LEU A 10 7.38 -16.56 4.78
CA LEU A 10 6.00 -16.95 4.48
C LEU A 10 5.17 -16.04 5.38
N ALA A 11 4.45 -15.09 4.77
CA ALA A 11 3.63 -14.17 5.55
C ALA A 11 2.20 -14.66 5.49
N LEU A 12 1.54 -14.68 6.64
CA LEU A 12 0.17 -15.13 6.76
C LEU A 12 -0.71 -14.02 7.33
N THR A 13 -1.93 -13.92 6.83
CA THR A 13 -2.86 -12.88 7.28
C THR A 13 -3.97 -13.46 8.13
N TRP A 14 -4.26 -12.81 9.25
CA TRP A 14 -5.36 -13.27 10.11
C TRP A 14 -6.61 -12.66 9.49
N SER A 15 -7.43 -13.52 8.89
CA SER A 15 -8.65 -13.07 8.20
C SER A 15 -9.58 -12.20 9.05
N GLY A 16 -9.68 -12.51 10.33
CA GLY A 16 -10.55 -11.76 11.21
C GLY A 16 -10.15 -10.31 11.38
N THR A 17 -8.85 -10.04 11.35
CA THR A 17 -8.36 -8.67 11.51
C THR A 17 -8.48 -7.88 10.22
N GLU A 18 -8.60 -8.59 9.10
CA GLU A 18 -8.71 -7.95 7.80
C GLU A 18 -10.16 -7.61 7.50
N CYS A 19 -11.07 -8.18 8.27
CA CYS A 19 -12.49 -7.94 8.06
C CYS A 19 -13.15 -7.28 9.26
N LEU A 20 -12.48 -6.30 9.85
CA LEU A 20 -13.02 -5.57 10.99
C LEU A 20 -13.56 -4.21 10.59
N SER A 25 -17.83 -4.19 -0.99
CA SER A 25 -18.24 -5.57 -1.21
C SER A 25 -18.06 -5.97 -2.66
N CYS A 26 -17.59 -7.20 -2.87
CA CYS A 26 -17.35 -7.72 -4.21
C CYS A 26 -16.98 -9.20 -4.12
N PRO A 27 -17.17 -9.97 -5.21
CA PRO A 27 -16.85 -11.39 -5.22
C PRO A 27 -15.40 -11.69 -4.84
N THR A 28 -14.52 -10.75 -5.16
CA THR A 28 -13.10 -10.88 -4.86
C THR A 28 -12.84 -10.80 -3.36
N ASN A 29 -13.63 -10.00 -2.66
CA ASN A 29 -13.46 -9.84 -1.21
C ASN A 29 -13.91 -11.08 -0.45
N ALA A 30 -12.99 -11.67 0.31
CA ALA A 30 -13.31 -12.86 1.08
C ALA A 30 -14.03 -12.58 2.40
N CYS A 31 -14.17 -11.30 2.75
CA CYS A 31 -14.82 -10.95 4.01
C CYS A 31 -16.30 -11.32 4.06
N SER A 32 -16.91 -11.54 2.89
CA SER A 32 -18.33 -11.89 2.85
C SER A 32 -18.59 -13.38 3.04
N ARG A 33 -17.55 -14.19 2.88
CA ARG A 33 -17.68 -15.64 3.01
C ARG A 33 -17.79 -16.10 4.47
N SER A 34 -18.99 -15.93 5.04
CA SER A 34 -19.25 -16.31 6.43
C SER A 34 -19.06 -17.80 6.67
N GLU A 35 -19.26 -18.60 5.63
CA GLU A 35 -19.11 -20.05 5.72
C GLU A 35 -17.69 -20.45 6.10
N VAL A 36 -16.71 -19.65 5.69
CA VAL A 36 -15.31 -19.91 5.99
C VAL A 36 -14.97 -19.48 7.41
N GLU A 37 -14.32 -20.38 8.15
CA GLU A 37 -13.93 -20.09 9.53
C GLU A 37 -12.78 -19.07 9.56
N THR A 38 -12.72 -18.30 10.63
CA THR A 38 -11.68 -17.30 10.77
C THR A 38 -10.34 -18.01 11.02
N GLY A 39 -9.28 -17.49 10.39
CA GLY A 39 -7.97 -18.09 10.57
C GLY A 39 -6.94 -17.47 9.66
N PHE A 40 -5.75 -18.06 9.60
CA PHE A 40 -4.69 -17.51 8.76
C PHE A 40 -4.80 -17.94 7.31
N THR A 41 -4.59 -16.99 6.40
CA THR A 41 -4.58 -17.29 4.96
C THR A 41 -3.27 -16.72 4.45
N ILE A 42 -2.90 -17.09 3.24
CA ILE A 42 -1.63 -16.61 2.68
C ILE A 42 -1.62 -15.16 2.24
N LYS A 43 -0.64 -14.42 2.74
CA LYS A 43 -0.45 -13.05 2.33
C LYS A 43 0.53 -13.19 1.16
N GLY A 44 1.63 -13.89 1.40
CA GLY A 44 2.61 -14.12 0.35
C GLY A 44 3.83 -14.94 0.75
N LEU A 45 4.67 -15.27 -0.23
CA LEU A 45 5.92 -16.00 0.02
C LEU A 45 6.92 -15.01 -0.54
N TRP A 46 7.72 -14.42 0.34
CA TRP A 46 8.66 -13.42 -0.11
C TRP A 46 10.15 -13.75 -0.12
N PRO A 47 10.79 -13.66 -1.31
CA PRO A 47 12.23 -13.94 -1.35
C PRO A 47 12.79 -12.69 -0.67
N ASP A 48 13.60 -12.86 0.36
CA ASP A 48 14.13 -11.71 1.10
C ASP A 48 15.64 -11.72 1.26
N TYR A 49 16.18 -10.58 1.67
CA TYR A 49 17.61 -10.41 1.92
C TYR A 49 17.81 -10.35 3.43
N ASP A 50 18.94 -10.88 3.89
CA ASP A 50 19.26 -10.89 5.32
C ASP A 50 19.30 -9.51 5.95
N ASP A 51 19.65 -8.48 5.17
CA ASP A 51 19.76 -7.12 5.71
C ASP A 51 18.43 -6.41 5.90
N GLY A 52 17.32 -7.11 5.66
CA GLY A 52 16.02 -6.48 5.85
C GLY A 52 15.41 -5.86 4.61
N THR A 53 16.13 -5.91 3.50
CA THR A 53 15.59 -5.37 2.25
C THR A 53 15.24 -6.62 1.45
N TRP A 54 14.78 -6.46 0.22
CA TRP A 54 14.42 -7.60 -0.59
C TRP A 54 14.38 -7.26 -2.07
N PRO A 55 14.53 -8.27 -2.94
CA PRO A 55 14.47 -8.01 -4.38
C PRO A 55 12.99 -7.84 -4.71
N SER A 56 12.67 -7.03 -5.71
CA SER A 56 11.26 -6.84 -6.05
C SER A 56 11.06 -6.60 -7.53
N CYS A 57 9.92 -7.05 -8.05
CA CYS A 57 9.60 -6.85 -9.45
C CYS A 57 10.74 -7.33 -10.34
N CYS A 58 11.13 -8.58 -10.14
CA CYS A 58 12.20 -9.18 -10.92
C CYS A 58 11.76 -9.65 -12.29
N GLU A 59 12.74 -10.02 -13.10
CA GLU A 59 12.50 -10.52 -14.44
C GLU A 59 11.77 -11.85 -14.31
N GLY A 60 10.99 -12.20 -15.32
CA GLY A 60 10.26 -13.46 -15.26
C GLY A 60 9.03 -13.35 -16.12
N ALA A 61 8.41 -14.49 -16.41
CA ALA A 61 7.22 -14.49 -17.24
C ALA A 61 6.11 -13.70 -16.56
N LYS A 62 5.26 -13.06 -17.35
CA LYS A 62 4.17 -12.28 -16.79
C LYS A 62 3.15 -13.23 -16.14
N TYR A 63 2.36 -12.69 -15.23
CA TYR A 63 1.34 -13.50 -14.55
C TYR A 63 0.46 -14.19 -15.58
N ASP A 64 0.31 -15.50 -15.47
CA ASP A 64 -0.53 -16.26 -16.40
C ASP A 64 -1.43 -17.22 -15.64
N GLN A 65 -2.67 -16.80 -15.41
CA GLN A 65 -3.63 -17.63 -14.68
C GLN A 65 -3.74 -19.05 -15.23
N ASN A 66 -3.44 -19.24 -16.51
CA ASN A 66 -3.52 -20.58 -17.09
C ASN A 66 -2.54 -21.52 -16.42
N GLU A 67 -1.36 -20.98 -16.08
CA GLU A 67 -0.29 -21.74 -15.44
C GLU A 67 -0.68 -22.30 -14.09
N ILE A 68 -1.58 -21.63 -13.39
CA ILE A 68 -1.98 -22.08 -12.07
C ILE A 68 -3.45 -22.45 -11.98
N SER A 69 -4.07 -22.76 -13.11
CA SER A 69 -5.50 -23.11 -13.14
C SER A 69 -5.91 -24.22 -12.17
N ILE A 70 -5.09 -25.27 -12.03
CA ILE A 70 -5.46 -26.36 -11.14
C ILE A 70 -5.35 -26.01 -9.67
N LEU A 71 -4.78 -24.83 -9.40
CA LEU A 71 -4.62 -24.34 -8.05
C LEU A 71 -5.69 -23.31 -7.72
N SER A 72 -6.52 -22.97 -8.71
CA SER A 72 -7.56 -21.95 -8.52
C SER A 72 -8.44 -22.10 -7.29
N ASN A 73 -8.92 -23.31 -7.00
CA ASN A 73 -9.77 -23.51 -5.83
C ASN A 73 -9.02 -23.28 -4.52
N ASP A 74 -7.78 -23.77 -4.47
CA ASP A 74 -6.96 -23.61 -3.27
C ASP A 74 -6.51 -22.16 -3.07
N LEU A 75 -6.15 -21.49 -4.17
CA LEU A 75 -5.71 -20.11 -4.06
C LEU A 75 -6.89 -19.20 -3.73
N SER A 76 -8.08 -19.60 -4.17
CA SER A 76 -9.27 -18.82 -3.90
C SER A 76 -9.65 -18.92 -2.44
N LYS A 77 -9.38 -20.08 -1.85
CA LYS A 77 -9.74 -20.30 -0.45
C LYS A 77 -8.65 -19.99 0.55
N TYR A 78 -7.40 -20.30 0.21
CA TYR A 78 -6.31 -20.08 1.14
C TYR A 78 -5.40 -18.89 0.86
N TRP A 79 -5.60 -18.28 -0.30
CA TRP A 79 -4.82 -17.10 -0.68
C TRP A 79 -5.78 -16.03 -1.20
N PRO A 80 -6.88 -15.76 -0.47
CA PRO A 80 -7.85 -14.75 -0.93
C PRO A 80 -7.40 -13.31 -0.68
N SER A 81 -8.15 -12.38 -1.26
CA SER A 81 -7.92 -10.95 -1.10
C SER A 81 -9.01 -10.48 -0.14
N TYR A 82 -8.72 -9.47 0.68
CA TYR A 82 -9.72 -8.96 1.63
C TYR A 82 -10.08 -7.50 1.35
N SER A 83 -10.18 -7.16 0.07
CA SER A 83 -10.52 -5.80 -0.34
C SER A 83 -11.01 -5.81 -1.78
N CYS A 84 -11.71 -4.75 -2.19
CA CYS A 84 -12.23 -4.65 -3.56
C CYS A 84 -11.41 -3.75 -4.46
N PRO A 85 -10.82 -2.67 -3.91
CA PRO A 85 -10.04 -1.80 -4.78
C PRO A 85 -8.80 -2.52 -5.29
N SER A 86 -8.52 -2.38 -6.58
CA SER A 86 -7.37 -3.03 -7.20
C SER A 86 -6.06 -2.57 -6.58
N SER A 87 -5.11 -3.49 -6.47
CA SER A 87 -3.80 -3.19 -5.91
C SER A 87 -2.85 -2.89 -7.06
N SER A 88 -1.65 -2.41 -6.75
CA SER A 88 -0.69 -2.10 -7.81
C SER A 88 0.72 -2.48 -7.44
N ALA A 89 1.50 -2.82 -8.45
CA ALA A 89 2.89 -3.19 -8.23
C ALA A 89 3.65 -3.23 -9.54
N CYS A 90 4.93 -2.91 -9.46
CA CYS A 90 5.81 -2.96 -10.62
C CYS A 90 5.33 -2.11 -11.79
N GLY A 91 4.68 -1.00 -11.52
CA GLY A 91 4.22 -0.12 -12.57
C GLY A 91 2.82 -0.26 -13.11
N SER A 92 2.00 -1.12 -12.52
CA SER A 92 0.64 -1.27 -13.02
C SER A 92 -0.32 -1.86 -11.98
N PHE A 93 -1.61 -1.64 -12.20
CA PHE A 93 -2.61 -2.19 -11.30
C PHE A 93 -2.68 -3.68 -11.57
N ASP A 94 -3.06 -4.45 -10.55
CA ASP A 94 -3.17 -5.90 -10.69
C ASP A 94 -4.60 -6.36 -10.65
N ALA A 95 -4.91 -7.39 -11.43
CA ALA A 95 -6.25 -7.94 -11.48
C ALA A 95 -6.59 -8.73 -10.22
N SER A 96 -5.56 -9.12 -9.48
CA SER A 96 -5.76 -9.90 -8.27
C SER A 96 -4.53 -9.90 -7.37
N ASP A 97 -4.72 -10.39 -6.16
CA ASP A 97 -3.63 -10.48 -5.19
C ASP A 97 -2.56 -11.45 -5.70
N LEU A 98 -2.98 -12.44 -6.48
CA LEU A 98 -2.04 -13.41 -7.04
C LEU A 98 -1.12 -12.73 -8.06
N ALA A 99 -1.71 -11.95 -8.97
CA ALA A 99 -0.92 -11.26 -9.98
C ALA A 99 0.03 -10.28 -9.30
N TYR A 100 -0.44 -9.67 -8.22
CA TYR A 100 0.36 -8.72 -7.44
C TYR A 100 1.59 -9.37 -6.80
N GLU A 101 1.36 -10.47 -6.08
CA GLU A 101 2.44 -11.19 -5.41
C GLU A 101 3.41 -11.84 -6.40
N TRP A 102 2.89 -12.31 -7.52
CA TRP A 102 3.76 -12.92 -8.52
C TRP A 102 4.71 -11.88 -9.10
N ALA A 103 4.15 -10.78 -9.59
CA ALA A 103 4.95 -9.73 -10.19
C ALA A 103 5.96 -9.15 -9.20
N LYS A 104 5.49 -8.80 -8.01
CA LYS A 104 6.33 -8.20 -7.00
C LYS A 104 7.34 -9.10 -6.32
N HIS A 105 6.93 -10.32 -5.97
CA HIS A 105 7.80 -11.26 -5.26
C HIS A 105 8.07 -12.61 -5.93
N GLY A 106 7.03 -13.20 -6.51
CA GLY A 106 7.17 -14.52 -7.15
C GLY A 106 8.28 -14.59 -8.19
N THR A 107 8.35 -13.58 -9.04
CA THR A 107 9.36 -13.51 -10.08
C THR A 107 10.76 -13.54 -9.46
N CYS A 108 10.89 -13.04 -8.23
CA CYS A 108 12.19 -13.00 -7.57
C CYS A 108 12.58 -14.32 -6.88
N SER A 109 11.73 -15.34 -6.97
CA SER A 109 12.04 -16.64 -6.33
C SER A 109 12.90 -17.55 -7.21
N SER A 110 13.16 -17.14 -8.45
CA SER A 110 14.01 -17.93 -9.33
C SER A 110 15.45 -17.67 -8.90
N PRO A 111 16.37 -18.63 -9.12
CA PRO A 111 16.14 -19.93 -9.76
C PRO A 111 15.62 -21.03 -8.83
N VAL A 112 15.48 -20.74 -7.53
CA VAL A 112 14.98 -21.75 -6.59
C VAL A 112 13.64 -22.31 -7.04
N LEU A 113 12.71 -21.41 -7.36
CA LEU A 113 11.39 -21.80 -7.85
C LEU A 113 11.45 -21.25 -9.28
N GLY A 114 11.37 -22.15 -10.26
CA GLY A 114 11.51 -21.77 -11.65
C GLY A 114 10.37 -21.16 -12.45
N ASN A 115 9.15 -21.26 -11.94
CA ASN A 115 8.01 -20.69 -12.65
C ASN A 115 6.87 -20.42 -11.69
N GLN A 116 5.82 -19.77 -12.20
CA GLN A 116 4.65 -19.40 -11.42
C GLN A 116 3.98 -20.54 -10.67
N TYR A 117 3.81 -21.66 -11.37
CA TYR A 117 3.17 -22.81 -10.76
C TYR A 117 3.97 -23.28 -9.56
N GLU A 118 5.28 -23.37 -9.73
CA GLU A 118 6.12 -23.82 -8.63
C GLU A 118 6.06 -22.81 -7.50
N TYR A 119 6.02 -21.53 -7.84
CA TYR A 119 5.95 -20.51 -6.80
C TYR A 119 4.69 -20.65 -5.95
N PHE A 120 3.52 -20.63 -6.59
CA PHE A 120 2.25 -20.73 -5.87
C PHE A 120 2.01 -22.08 -5.17
N SER A 121 2.33 -23.18 -5.85
CA SER A 121 2.14 -24.51 -5.27
C SER A 121 3.08 -24.74 -4.08
N THR A 122 4.29 -24.23 -4.17
CA THR A 122 5.23 -24.40 -3.07
C THR A 122 4.77 -23.60 -1.86
N THR A 123 4.19 -22.43 -2.10
CA THR A 123 3.69 -21.60 -1.01
C THR A 123 2.55 -22.33 -0.32
N LEU A 124 1.67 -22.92 -1.11
CA LEU A 124 0.54 -23.68 -0.55
C LEU A 124 1.06 -24.87 0.25
N MET A 125 2.07 -25.55 -0.28
CA MET A 125 2.65 -26.70 0.41
C MET A 125 3.10 -26.33 1.80
N LEU A 126 3.90 -25.28 1.92
CA LEU A 126 4.40 -24.82 3.21
C LEU A 126 3.23 -24.41 4.10
N TYR A 127 2.25 -23.72 3.51
CA TYR A 127 1.07 -23.27 4.23
C TYR A 127 0.29 -24.44 4.84
N PHE A 128 0.13 -25.50 4.07
CA PHE A 128 -0.60 -26.69 4.54
C PHE A 128 0.24 -27.49 5.54
N LYS A 129 1.55 -27.53 5.32
CA LYS A 129 2.42 -28.29 6.21
C LYS A 129 2.47 -27.68 7.61
N TYR A 130 2.64 -26.37 7.69
CA TYR A 130 2.72 -25.67 8.97
C TYR A 130 1.47 -24.85 9.24
N ASN A 131 0.43 -25.54 9.72
CA ASN A 131 -0.84 -24.89 10.01
C ASN A 131 -0.71 -24.07 11.29
N ILE A 132 -0.47 -22.78 11.13
CA ILE A 132 -0.32 -21.92 12.28
C ILE A 132 -1.62 -21.77 13.06
N SER A 133 -2.74 -21.79 12.34
CA SER A 133 -4.05 -21.67 12.97
C SER A 133 -4.28 -22.84 13.92
N GLU A 134 -3.83 -24.02 13.52
CA GLU A 134 -3.98 -25.24 14.32
C GLU A 134 -3.06 -25.20 15.54
N ILE A 135 -1.85 -24.67 15.34
CA ILE A 135 -0.90 -24.58 16.44
C ILE A 135 -1.43 -23.67 17.54
N LEU A 136 -2.02 -22.54 17.15
CA LEU A 136 -2.58 -21.62 18.12
C LEU A 136 -3.80 -22.19 18.81
N SER A 137 -4.70 -22.80 18.04
CA SER A 137 -5.91 -23.37 18.62
C SER A 137 -5.60 -24.43 19.67
N GLU A 138 -4.63 -25.29 19.39
CA GLU A 138 -4.26 -26.34 20.33
C GLU A 138 -3.57 -25.78 21.58
N SER A 139 -3.29 -24.48 21.58
CA SER A 139 -2.65 -23.84 22.72
C SER A 139 -3.58 -22.88 23.46
N GLY A 140 -4.86 -22.91 23.10
CA GLY A 140 -5.83 -22.05 23.76
C GLY A 140 -6.08 -20.72 23.09
N TYR A 141 -5.34 -20.42 22.02
CA TYR A 141 -5.52 -19.16 21.32
C TYR A 141 -6.47 -19.34 20.15
N LEU A 142 -7.75 -19.05 20.41
CA LEU A 142 -8.81 -19.21 19.43
C LEU A 142 -9.41 -17.88 18.99
N PRO A 143 -10.10 -17.88 17.83
CA PRO A 143 -10.73 -16.63 17.35
C PRO A 143 -11.73 -16.17 18.42
N SER A 144 -11.76 -14.88 18.72
CA SER A 144 -12.68 -14.35 19.73
C SER A 144 -12.80 -12.84 19.65
N ASN A 145 -14.01 -12.32 19.86
CA ASN A 145 -14.21 -10.87 19.83
C ASN A 145 -14.21 -10.31 21.25
N THR A 146 -13.85 -11.15 22.21
CA THR A 146 -13.80 -10.72 23.61
C THR A 146 -12.48 -11.08 24.28
N ALA A 147 -11.83 -12.13 23.79
CA ALA A 147 -10.58 -12.56 24.40
C ALA A 147 -9.38 -11.70 24.05
N GLU A 148 -8.51 -11.52 25.04
CA GLU A 148 -7.27 -10.77 24.86
C GLU A 148 -6.17 -11.71 25.32
N TYR A 149 -5.21 -11.98 24.44
CA TYR A 149 -4.12 -12.89 24.78
C TYR A 149 -2.78 -12.17 24.84
N LYS A 150 -1.84 -12.73 25.59
CA LYS A 150 -0.52 -12.14 25.68
C LYS A 150 0.26 -12.54 24.42
N VAL A 151 0.90 -11.56 23.79
CA VAL A 151 1.68 -11.82 22.58
C VAL A 151 2.76 -12.85 22.86
N GLU A 152 3.41 -12.72 24.01
CA GLU A 152 4.48 -13.64 24.40
C GLU A 152 3.98 -15.08 24.41
N GLY A 153 2.69 -15.23 24.74
CA GLY A 153 2.09 -16.55 24.76
C GLY A 153 1.86 -17.09 23.36
N ILE A 154 1.44 -16.22 22.44
CA ILE A 154 1.22 -16.63 21.06
C ILE A 154 2.58 -16.96 20.44
N MET A 155 3.56 -16.11 20.73
CA MET A 155 4.93 -16.28 20.25
C MET A 155 5.51 -17.61 20.72
N SER A 156 5.43 -17.84 22.03
CA SER A 156 5.95 -19.07 22.64
C SER A 156 5.25 -20.31 22.09
N ALA A 157 3.95 -20.21 21.87
CA ALA A 157 3.19 -21.33 21.35
C ALA A 157 3.73 -21.73 19.97
N ILE A 158 3.90 -20.74 19.10
CA ILE A 158 4.42 -21.01 17.75
C ILE A 158 5.87 -21.51 17.83
N GLN A 159 6.68 -20.80 18.62
CA GLN A 159 8.07 -21.15 18.80
C GLN A 159 8.30 -22.59 19.24
N SER A 160 7.55 -23.04 20.24
CA SER A 160 7.73 -24.41 20.73
C SER A 160 7.31 -25.45 19.70
N ALA A 161 6.41 -25.10 18.79
CA ALA A 161 5.96 -26.04 17.77
C ALA A 161 6.87 -26.07 16.55
N LEU A 162 7.42 -24.93 16.16
CA LEU A 162 8.29 -24.85 14.98
C LEU A 162 9.79 -24.87 15.29
N ARG A 163 10.15 -24.51 16.52
CA ARG A 163 11.54 -24.46 16.93
C ARG A 163 12.21 -23.21 16.34
N VAL A 164 11.39 -22.31 15.82
CA VAL A 164 11.88 -21.04 15.29
C VAL A 164 10.92 -19.95 15.77
N THR A 165 11.42 -18.73 15.85
CA THR A 165 10.59 -17.63 16.32
C THR A 165 9.95 -16.87 15.18
N PRO A 166 8.62 -16.71 15.23
CA PRO A 166 7.90 -15.98 14.19
C PRO A 166 7.98 -14.48 14.41
N VAL A 167 7.60 -13.74 13.38
CA VAL A 167 7.58 -12.29 13.47
C VAL A 167 6.08 -11.99 13.41
N VAL A 168 5.60 -11.15 14.33
CA VAL A 168 4.18 -10.82 14.36
C VAL A 168 3.94 -9.32 14.20
N LYS A 169 2.95 -8.97 13.37
CA LYS A 169 2.59 -7.58 13.13
C LYS A 169 1.13 -7.42 13.57
N CYS A 170 0.82 -6.28 14.16
CA CYS A 170 -0.54 -6.00 14.63
C CYS A 170 -1.18 -4.79 14.00
N LYS A 171 -2.51 -4.77 14.07
CA LYS A 171 -3.30 -3.69 13.55
C LYS A 171 -4.08 -3.15 14.74
N SER A 172 -3.58 -2.05 15.31
CA SER A 172 -4.18 -1.39 16.46
C SER A 172 -4.07 -2.19 17.75
N ASP A 173 -4.48 -3.45 17.71
CA ASP A 173 -4.42 -4.32 18.88
C ASP A 173 -4.70 -5.77 18.51
N ALA A 174 -5.08 -6.01 17.27
CA ALA A 174 -5.37 -7.35 16.79
C ALA A 174 -4.23 -7.90 15.92
N VAL A 175 -3.96 -9.20 16.06
CA VAL A 175 -2.91 -9.82 15.26
C VAL A 175 -3.34 -9.79 13.80
N GLU A 176 -2.52 -9.17 12.96
CA GLU A 176 -2.83 -9.06 11.54
C GLU A 176 -1.98 -9.97 10.67
N GLN A 177 -0.70 -10.09 10.99
CA GLN A 177 0.19 -10.90 10.19
C GLN A 177 1.23 -11.68 10.99
N VAL A 178 1.47 -12.92 10.58
CA VAL A 178 2.49 -13.75 11.22
C VAL A 178 3.48 -14.15 10.12
N GLN A 179 4.77 -14.00 10.40
CA GLN A 179 5.81 -14.33 9.45
C GLN A 179 6.70 -15.46 9.93
N ILE A 180 6.84 -16.49 9.08
CA ILE A 180 7.67 -17.66 9.36
C ILE A 180 8.73 -17.69 8.27
N CYS A 181 10.00 -17.89 8.65
CA CYS A 181 11.06 -17.90 7.66
C CYS A 181 11.61 -19.28 7.29
N PHE A 182 12.03 -19.43 6.03
CA PHE A 182 12.57 -20.68 5.51
C PHE A 182 13.85 -20.43 4.70
N ASP A 183 14.81 -21.36 4.75
CA ASP A 183 16.02 -21.22 3.96
C ASP A 183 15.70 -21.68 2.54
N LYS A 184 16.67 -21.61 1.64
CA LYS A 184 16.47 -21.98 0.25
C LYS A 184 16.24 -23.48 0.02
N THR A 185 16.34 -24.26 1.09
CA THR A 185 16.07 -25.69 0.99
C THR A 185 14.74 -25.97 1.71
N LEU A 186 13.95 -24.91 1.90
CA LEU A 186 12.65 -25.01 2.54
C LEU A 186 12.66 -25.48 3.99
N GLN A 187 13.78 -25.28 4.67
CA GLN A 187 13.89 -25.67 6.08
C GLN A 187 13.60 -24.42 6.91
N LEU A 188 12.82 -24.60 7.98
CA LEU A 188 12.51 -23.50 8.87
C LEU A 188 13.79 -22.86 9.39
N GLN A 189 13.81 -21.54 9.47
CA GLN A 189 14.98 -20.86 10.02
C GLN A 189 14.47 -19.65 10.78
N GLU A 190 15.38 -18.97 11.48
CA GLU A 190 15.00 -17.78 12.22
C GLU A 190 14.92 -16.63 11.22
N CYS A 191 14.01 -15.70 11.47
CA CYS A 191 13.87 -14.53 10.63
C CYS A 191 14.88 -13.52 11.15
N PRO A 192 15.21 -12.50 10.35
CA PRO A 192 16.17 -11.48 10.81
C PRO A 192 15.66 -10.82 12.09
N SER A 193 16.57 -10.40 12.96
CA SER A 193 16.19 -9.74 14.21
C SER A 193 15.33 -8.53 13.89
N THR A 194 14.19 -8.40 14.57
CA THR A 194 13.30 -7.27 14.36
C THR A 194 12.65 -6.88 15.69
N ALA A 195 12.43 -5.60 15.90
CA ALA A 195 11.82 -5.11 17.13
C ALA A 195 10.32 -5.40 17.17
N SER A 196 9.79 -5.64 18.37
CA SER A 196 8.37 -5.92 18.54
C SER A 196 7.57 -4.68 18.21
N THR A 197 6.36 -4.87 17.69
CA THR A 197 5.50 -3.76 17.34
C THR A 197 4.08 -3.95 17.88
N CYS A 198 3.77 -5.18 18.28
CA CYS A 198 2.45 -5.48 18.82
C CYS A 198 2.36 -5.10 20.29
N PRO A 199 1.14 -4.76 20.75
CA PRO A 199 0.94 -4.39 22.15
C PRO A 199 1.17 -5.65 22.98
N SER A 200 1.32 -5.49 24.29
CA SER A 200 1.53 -6.63 25.18
C SER A 200 0.34 -7.60 25.11
N LEU A 201 -0.85 -7.04 24.94
CA LEU A 201 -2.07 -7.85 24.84
C LEU A 201 -2.66 -7.68 23.45
N VAL A 202 -2.98 -8.80 22.82
CA VAL A 202 -3.54 -8.77 21.47
C VAL A 202 -4.75 -9.67 21.34
N SER A 203 -5.48 -9.52 20.23
CA SER A 203 -6.66 -10.33 20.00
C SER A 203 -6.67 -11.04 18.65
N LEU A 204 -7.50 -12.06 18.53
CA LEU A 204 -7.64 -12.81 17.29
C LEU A 204 -9.11 -12.73 16.90
N PRO A 205 -9.57 -11.54 16.51
CA PRO A 205 -10.97 -11.29 16.11
C PRO A 205 -11.53 -12.22 15.06
N ILE A 206 -12.84 -12.41 15.09
CA ILE A 206 -13.57 -13.26 14.16
C ILE A 206 -14.06 -12.37 13.01
N LYS A 207 -14.26 -12.95 11.84
CA LYS A 207 -14.73 -12.19 10.69
C LYS A 207 -16.13 -11.63 10.95
N ASN A 208 -16.60 -10.79 10.02
CA ASN A 208 -17.92 -10.18 10.12
C ASN A 208 -18.05 -9.37 11.41
N HIS B 2 14.36 2.70 -19.57
CA HIS B 2 12.91 2.45 -19.80
C HIS B 2 12.32 3.57 -20.66
N LYS B 3 11.10 3.36 -21.14
CA LYS B 3 10.44 4.36 -21.96
C LYS B 3 10.16 5.60 -21.11
N GLU B 4 10.53 6.77 -21.63
CA GLU B 4 10.29 8.00 -20.90
C GLU B 4 8.79 8.11 -20.64
N PHE B 5 8.42 8.69 -19.50
CA PHE B 5 7.02 8.84 -19.13
C PHE B 5 6.31 9.80 -20.09
N ASP B 6 4.99 9.73 -20.11
CA ASP B 6 4.19 10.55 -21.01
C ASP B 6 3.68 11.85 -20.39
N TYR B 7 3.22 11.79 -19.15
CA TYR B 7 2.70 12.97 -18.50
C TYR B 7 2.80 12.88 -17.00
N PHE B 8 2.56 14.00 -16.33
CA PHE B 8 2.62 14.08 -14.87
C PHE B 8 1.23 14.03 -14.25
N THR B 9 1.11 13.35 -13.13
CA THR B 9 -0.15 13.32 -12.40
C THR B 9 0.17 13.92 -11.04
N LEU B 10 -0.45 15.05 -10.73
CA LEU B 10 -0.26 15.67 -9.43
C LEU B 10 -1.45 15.20 -8.61
N ALA B 11 -1.19 14.38 -7.58
CA ALA B 11 -2.26 13.88 -6.74
C ALA B 11 -2.30 14.66 -5.44
N LEU B 12 -3.49 15.12 -5.07
CA LEU B 12 -3.69 15.89 -3.85
C LEU B 12 -4.62 15.15 -2.89
N THR B 13 -4.26 15.15 -1.61
CA THR B 13 -5.04 14.49 -0.58
C THR B 13 -5.79 15.48 0.27
N TRP B 14 -7.06 15.18 0.56
CA TRP B 14 -7.87 16.06 1.40
C TRP B 14 -7.62 15.66 2.86
N SER B 15 -6.85 16.48 3.57
CA SER B 15 -6.50 16.22 4.96
C SER B 15 -7.68 15.83 5.83
N GLY B 16 -8.78 16.55 5.70
CA GLY B 16 -9.96 16.25 6.49
C GLY B 16 -10.45 14.84 6.34
N THR B 17 -10.45 14.34 5.11
CA THR B 17 -10.92 12.99 4.83
C THR B 17 -9.90 11.93 5.24
N GLU B 18 -8.62 12.28 5.13
CA GLU B 18 -7.55 11.34 5.45
C GLU B 18 -7.47 11.07 6.96
N CYS B 19 -7.88 12.04 7.77
CA CYS B 19 -7.86 11.87 9.22
C CYS B 19 -9.23 11.49 9.77
N LEU B 20 -9.50 10.20 9.83
CA LEU B 20 -10.78 9.70 10.34
C LEU B 20 -10.58 8.43 11.15
N SER B 25 -1.61 5.79 16.31
CA SER B 25 -1.30 7.21 16.13
C SER B 25 0.14 7.53 16.49
N CYS B 26 0.60 8.71 16.11
CA CYS B 26 1.96 9.14 16.40
C CYS B 26 2.10 10.63 16.16
N PRO B 27 3.13 11.26 16.76
CA PRO B 27 3.38 12.69 16.62
C PRO B 27 3.60 13.15 15.17
N THR B 28 4.42 12.39 14.44
CA THR B 28 4.73 12.70 13.06
C THR B 28 3.49 12.79 12.17
N ASN B 29 2.48 12.00 12.52
CA ASN B 29 1.23 11.97 11.78
C ASN B 29 0.61 13.37 11.68
N ALA B 30 0.34 13.82 10.46
CA ALA B 30 -0.23 15.15 10.23
C ALA B 30 -1.55 15.36 10.96
N CYS B 31 -2.25 14.27 11.26
CA CYS B 31 -3.53 14.34 11.96
C CYS B 31 -3.37 14.84 13.39
N SER B 32 -2.14 14.75 13.90
CA SER B 32 -1.85 15.19 15.25
C SER B 32 -0.93 16.41 15.20
N ARG B 33 -1.01 17.15 14.11
CA ARG B 33 -0.18 18.34 13.93
C ARG B 33 -1.04 19.53 13.56
N SER B 34 -0.96 20.59 14.37
CA SER B 34 -1.74 21.80 14.12
C SER B 34 -1.25 22.48 12.84
N GLU B 35 0.03 22.27 12.52
CA GLU B 35 0.63 22.86 11.32
C GLU B 35 -0.21 22.59 10.08
N VAL B 36 -0.75 21.37 9.99
CA VAL B 36 -1.58 20.99 8.85
C VAL B 36 -3.04 21.31 9.15
N GLU B 37 -3.67 22.10 8.29
CA GLU B 37 -5.06 22.47 8.50
C GLU B 37 -5.96 21.82 7.45
N THR B 38 -7.25 22.12 7.50
CA THR B 38 -8.21 21.56 6.54
C THR B 38 -7.93 22.05 5.13
N GLY B 39 -7.81 21.12 4.20
CA GLY B 39 -7.54 21.48 2.81
C GLY B 39 -6.74 20.40 2.10
N PHE B 40 -6.29 20.69 0.89
CA PHE B 40 -5.51 19.72 0.12
C PHE B 40 -4.01 19.79 0.41
N THR B 41 -3.38 18.62 0.50
CA THR B 41 -1.93 18.55 0.69
C THR B 41 -1.43 17.65 -0.43
N ILE B 42 -0.12 17.66 -0.67
CA ILE B 42 0.45 16.86 -1.74
C ILE B 42 0.54 15.38 -1.44
N LYS B 43 -0.06 14.58 -2.32
CA LYS B 43 -0.01 13.14 -2.19
C LYS B 43 1.22 12.69 -2.98
N GLY B 44 1.41 13.28 -4.16
CA GLY B 44 2.56 12.94 -4.97
C GLY B 44 2.51 13.54 -6.37
N LEU B 45 3.63 13.45 -7.08
CA LEU B 45 3.73 13.91 -8.47
C LEU B 45 4.22 12.66 -9.16
N TRP B 46 3.36 12.07 -9.98
CA TRP B 46 3.72 10.82 -10.63
C TRP B 46 3.94 10.84 -12.14
N PRO B 47 5.13 10.38 -12.58
CA PRO B 47 5.38 10.36 -14.03
C PRO B 47 4.55 9.14 -14.44
N ASP B 48 3.67 9.31 -15.42
CA ASP B 48 2.79 8.22 -15.87
C ASP B 48 2.81 7.98 -17.38
N TYR B 49 2.28 6.84 -17.80
CA TYR B 49 2.20 6.49 -19.21
C TYR B 49 0.74 6.64 -19.64
N ASP B 50 0.52 6.97 -20.91
CA ASP B 50 -0.83 7.14 -21.44
C ASP B 50 -1.66 5.86 -21.36
N ASP B 51 -1.01 4.70 -21.40
CA ASP B 51 -1.74 3.44 -21.36
C ASP B 51 -2.27 3.05 -19.98
N GLY B 52 -2.09 3.92 -19.00
CA GLY B 52 -2.59 3.61 -17.67
C GLY B 52 -1.60 2.94 -16.73
N THR B 53 -0.42 2.63 -17.24
CA THR B 53 0.61 2.04 -16.40
C THR B 53 1.58 3.19 -16.12
N TRP B 54 2.70 2.90 -15.47
CA TRP B 54 3.66 3.95 -15.16
C TRP B 54 5.01 3.37 -14.80
N PRO B 55 6.08 4.17 -14.95
CA PRO B 55 7.42 3.69 -14.61
C PRO B 55 7.49 3.76 -13.10
N SER B 56 8.25 2.86 -12.49
CA SER B 56 8.37 2.87 -11.04
C SER B 56 9.73 2.38 -10.61
N CYS B 57 10.24 2.93 -9.51
CA CYS B 57 11.52 2.53 -8.97
C CYS B 57 12.64 2.61 -10.01
N CYS B 58 12.76 3.77 -10.63
CA CYS B 58 13.78 4.01 -11.65
C CYS B 58 15.17 4.30 -11.07
N GLU B 59 16.16 4.31 -11.96
CA GLU B 59 17.53 4.60 -11.58
C GLU B 59 17.60 6.05 -11.09
N GLY B 60 18.60 6.35 -10.28
CA GLY B 60 18.75 7.70 -9.75
C GLY B 60 19.37 7.66 -8.38
N ALA B 61 19.80 8.80 -7.88
CA ALA B 61 20.43 8.86 -6.56
C ALA B 61 19.43 8.48 -5.48
N LYS B 62 19.91 7.83 -4.42
CA LYS B 62 19.05 7.44 -3.33
C LYS B 62 18.55 8.70 -2.62
N TYR B 63 17.44 8.57 -1.90
CA TYR B 63 16.87 9.70 -1.17
C TYR B 63 17.93 10.30 -0.26
N ASP B 64 18.01 11.63 -0.25
CA ASP B 64 18.99 12.32 0.56
C ASP B 64 18.37 13.60 1.10
N GLN B 65 17.92 13.57 2.36
CA GLN B 65 17.29 14.74 2.97
C GLN B 65 18.12 16.00 2.86
N ASN B 66 19.45 15.86 2.76
CA ASN B 66 20.31 17.02 2.64
C ASN B 66 19.99 17.82 1.38
N GLU B 67 19.70 17.10 0.30
CA GLU B 67 19.40 17.74 -0.98
C GLU B 67 18.15 18.63 -0.95
N ILE B 68 17.24 18.34 -0.04
CA ILE B 68 16.00 19.10 0.05
C ILE B 68 15.79 19.77 1.41
N SER B 69 16.86 19.91 2.19
CA SER B 69 16.74 20.50 3.52
C SER B 69 16.05 21.87 3.52
N ILE B 70 16.33 22.71 2.53
CA ILE B 70 15.69 24.03 2.53
C ILE B 70 14.20 23.96 2.26
N LEU B 71 13.73 22.79 1.82
CA LEU B 71 12.31 22.60 1.55
C LEU B 71 11.62 21.89 2.71
N SER B 72 12.37 21.54 3.75
CA SER B 72 11.82 20.82 4.90
C SER B 72 10.56 21.43 5.50
N ASN B 73 10.57 22.74 5.73
CA ASN B 73 9.39 23.39 6.30
C ASN B 73 8.18 23.23 5.40
N ASP B 74 8.34 23.51 4.11
CA ASP B 74 7.23 23.39 3.19
C ASP B 74 6.74 21.97 3.00
N LEU B 75 7.66 21.01 2.96
CA LEU B 75 7.30 19.62 2.79
C LEU B 75 6.60 19.04 4.03
N SER B 76 7.01 19.46 5.22
CA SER B 76 6.36 18.94 6.43
C SER B 76 4.95 19.52 6.56
N LYS B 77 4.73 20.68 5.95
CA LYS B 77 3.42 21.30 6.04
C LYS B 77 2.49 21.03 4.85
N TYR B 78 3.04 20.98 3.64
CA TYR B 78 2.22 20.76 2.46
C TYR B 78 2.30 19.37 1.84
N TRP B 79 3.25 18.57 2.32
CA TRP B 79 3.43 17.19 1.85
C TRP B 79 3.61 16.28 3.06
N PRO B 80 2.73 16.40 4.08
CA PRO B 80 2.83 15.56 5.27
C PRO B 80 2.35 14.14 5.02
N SER B 81 2.58 13.29 6.02
CA SER B 81 2.15 11.90 5.99
C SER B 81 0.97 11.80 6.96
N TYR B 82 -0.01 10.95 6.63
CA TYR B 82 -1.18 10.77 7.49
C TYR B 82 -1.24 9.37 8.10
N SER B 83 -0.13 8.64 7.99
CA SER B 83 -0.04 7.30 8.53
C SER B 83 1.19 7.14 9.42
N CYS B 84 1.09 6.27 10.42
CA CYS B 84 2.20 6.03 11.32
C CYS B 84 3.02 4.80 10.95
N PRO B 85 2.35 3.74 10.47
CA PRO B 85 3.12 2.54 10.09
C PRO B 85 4.01 2.84 8.89
N SER B 86 5.25 2.40 8.94
CA SER B 86 6.20 2.63 7.86
C SER B 86 5.73 2.04 6.53
N SER B 87 6.07 2.71 5.44
CA SER B 87 5.70 2.24 4.10
C SER B 87 6.93 1.63 3.45
N SER B 88 6.74 0.98 2.31
CA SER B 88 7.85 0.37 1.61
C SER B 88 7.70 0.46 0.10
N ALA B 89 8.83 0.50 -0.59
CA ALA B 89 8.84 0.57 -2.03
C ALA B 89 10.21 0.24 -2.57
N CYS B 90 10.24 -0.28 -3.78
CA CYS B 90 11.50 -0.61 -4.44
C CYS B 90 12.41 -1.54 -3.65
N GLY B 91 11.84 -2.43 -2.84
CA GLY B 91 12.66 -3.37 -2.09
C GLY B 91 13.08 -3.00 -0.68
N SER B 92 12.51 -1.94 -0.11
CA SER B 92 12.89 -1.57 1.24
C SER B 92 11.86 -0.68 1.92
N PHE B 93 11.90 -0.65 3.24
CA PHE B 93 10.97 0.20 3.99
C PHE B 93 11.51 1.61 3.91
N ASP B 94 10.58 2.57 3.92
CA ASP B 94 10.94 3.98 3.85
C ASP B 94 10.69 4.66 5.18
N ALA B 95 11.61 5.52 5.60
CA ALA B 95 11.46 6.23 6.88
C ALA B 95 10.45 7.37 6.77
N SER B 96 10.10 7.75 5.55
CA SER B 96 9.15 8.83 5.36
C SER B 96 8.42 8.75 4.02
N ASP B 97 7.34 9.50 3.91
CA ASP B 97 6.56 9.54 2.69
C ASP B 97 7.40 10.15 1.57
N LEU B 98 8.33 11.03 1.94
CA LEU B 98 9.20 11.67 0.96
C LEU B 98 10.15 10.66 0.32
N ALA B 99 10.79 9.85 1.15
CA ALA B 99 11.73 8.84 0.67
C ALA B 99 10.97 7.83 -0.20
N TYR B 100 9.74 7.55 0.18
CA TYR B 100 8.88 6.62 -0.55
C TYR B 100 8.54 7.14 -1.95
N GLU B 101 8.07 8.38 -2.03
CA GLU B 101 7.69 8.99 -3.31
C GLU B 101 8.89 9.20 -4.23
N TRP B 102 10.02 9.58 -3.66
CA TRP B 102 11.21 9.80 -4.47
C TRP B 102 11.67 8.50 -5.12
N ALA B 103 11.81 7.46 -4.32
CA ALA B 103 12.26 6.17 -4.84
C ALA B 103 11.33 5.58 -5.89
N LYS B 104 10.05 5.54 -5.57
CA LYS B 104 9.05 4.96 -6.43
C LYS B 104 8.69 5.78 -7.66
N HIS B 105 8.52 7.09 -7.49
CA HIS B 105 8.12 7.98 -8.58
C HIS B 105 9.10 9.09 -8.97
N GLY B 106 9.70 9.73 -7.98
CA GLY B 106 10.62 10.82 -8.24
C GLY B 106 11.77 10.49 -9.18
N THR B 107 12.40 9.35 -8.92
CA THR B 107 13.51 8.89 -9.73
C THR B 107 13.08 8.75 -11.19
N CYS B 108 11.79 8.47 -11.41
CA CYS B 108 11.27 8.29 -12.75
C CYS B 108 10.92 9.58 -13.48
N SER B 109 11.19 10.72 -12.86
CA SER B 109 10.88 12.02 -13.45
C SER B 109 12.00 12.56 -14.36
N SER B 110 13.16 11.89 -14.35
CA SER B 110 14.28 12.32 -15.18
C SER B 110 14.01 11.82 -16.60
N PRO B 111 14.55 12.50 -17.63
CA PRO B 111 15.41 13.68 -17.56
C PRO B 111 14.67 15.03 -17.39
N VAL B 112 13.34 15.00 -17.36
CA VAL B 112 12.59 16.24 -17.21
C VAL B 112 12.99 16.96 -15.93
N LEU B 113 12.96 16.24 -14.82
CA LEU B 113 13.38 16.77 -13.52
C LEU B 113 14.67 15.99 -13.23
N GLY B 114 15.79 16.71 -13.19
CA GLY B 114 17.09 16.07 -13.00
C GLY B 114 17.59 15.54 -11.68
N ASN B 115 16.96 15.94 -10.57
CA ASN B 115 17.38 15.46 -9.27
C ASN B 115 16.25 15.61 -8.27
N GLN B 116 16.52 15.15 -7.05
CA GLN B 116 15.56 15.20 -5.94
C GLN B 116 14.99 16.56 -5.64
N TYR B 117 15.87 17.55 -5.55
CA TYR B 117 15.44 18.90 -5.25
C TYR B 117 14.50 19.42 -6.32
N GLU B 118 14.83 19.16 -7.58
CA GLU B 118 13.99 19.64 -8.68
C GLU B 118 12.63 18.95 -8.65
N TYR B 119 12.62 17.68 -8.26
CA TYR B 119 11.38 16.92 -8.17
C TYR B 119 10.47 17.50 -7.08
N PHE B 120 10.98 17.61 -5.86
CA PHE B 120 10.16 18.12 -4.76
C PHE B 120 9.80 19.60 -4.88
N SER B 121 10.74 20.43 -5.30
CA SER B 121 10.46 21.85 -5.44
C SER B 121 9.45 22.10 -6.57
N THR B 122 9.58 21.34 -7.66
CA THR B 122 8.66 21.53 -8.76
C THR B 122 7.25 21.10 -8.36
N THR B 123 7.15 20.05 -7.55
CA THR B 123 5.84 19.60 -7.10
C THR B 123 5.23 20.70 -6.25
N LEU B 124 6.02 21.30 -5.36
CA LEU B 124 5.53 22.38 -4.51
C LEU B 124 5.09 23.56 -5.38
N MET B 125 5.87 23.87 -6.41
CA MET B 125 5.57 24.98 -7.31
C MET B 125 4.19 24.81 -7.90
N LEU B 126 3.96 23.64 -8.49
CA LEU B 126 2.66 23.34 -9.09
C LEU B 126 1.59 23.38 -8.01
N TYR B 127 1.89 22.84 -6.83
CA TYR B 127 0.92 22.83 -5.74
C TYR B 127 0.50 24.24 -5.32
N PHE B 128 1.47 25.14 -5.25
CA PHE B 128 1.17 26.52 -4.85
C PHE B 128 0.48 27.29 -5.98
N LYS B 129 0.87 27.00 -7.22
CA LYS B 129 0.27 27.69 -8.36
C LYS B 129 -1.22 27.38 -8.53
N TYR B 130 -1.56 26.09 -8.49
CA TYR B 130 -2.96 25.68 -8.65
C TYR B 130 -3.58 25.26 -7.33
N ASN B 131 -4.01 26.25 -6.54
CA ASN B 131 -4.62 25.98 -5.25
C ASN B 131 -6.06 25.49 -5.43
N ILE B 132 -6.23 24.17 -5.43
CA ILE B 132 -7.55 23.58 -5.60
C ILE B 132 -8.47 23.94 -4.43
N SER B 133 -7.91 23.95 -3.22
CA SER B 133 -8.69 24.29 -2.03
C SER B 133 -9.34 25.66 -2.17
N GLU B 134 -8.58 26.63 -2.67
CA GLU B 134 -9.09 27.98 -2.86
C GLU B 134 -10.18 28.02 -3.93
N ILE B 135 -10.02 27.20 -4.96
CA ILE B 135 -10.99 27.14 -6.04
C ILE B 135 -12.34 26.64 -5.52
N LEU B 136 -12.30 25.64 -4.65
CA LEU B 136 -13.53 25.07 -4.09
C LEU B 136 -14.21 26.05 -3.15
N SER B 137 -13.44 26.69 -2.28
CA SER B 137 -14.00 27.65 -1.33
C SER B 137 -14.66 28.82 -2.05
N GLU B 138 -14.08 29.23 -3.18
CA GLU B 138 -14.62 30.35 -3.95
C GLU B 138 -15.91 29.97 -4.66
N SER B 139 -16.21 28.68 -4.71
CA SER B 139 -17.43 28.20 -5.37
C SER B 139 -18.46 27.81 -4.33
N GLY B 140 -18.15 28.05 -3.07
CA GLY B 140 -19.07 27.71 -1.99
C GLY B 140 -18.81 26.36 -1.36
N TYR B 141 -17.98 25.54 -2.00
CA TYR B 141 -17.67 24.22 -1.46
C TYR B 141 -16.68 24.30 -0.32
N LEU B 142 -17.16 24.77 0.83
CA LEU B 142 -16.32 24.89 2.03
C LEU B 142 -16.32 23.59 2.80
N PRO B 143 -15.31 23.39 3.67
CA PRO B 143 -15.21 22.15 4.47
C PRO B 143 -16.28 22.09 5.56
N SER B 144 -16.97 20.95 5.64
CA SER B 144 -18.01 20.75 6.64
C SER B 144 -18.26 19.27 6.87
N ASN B 145 -18.45 18.90 8.14
CA ASN B 145 -18.68 17.51 8.50
C ASN B 145 -20.16 17.14 8.35
N THR B 146 -20.96 18.07 7.85
CA THR B 146 -22.39 17.84 7.67
C THR B 146 -22.81 18.03 6.22
N ALA B 147 -22.34 19.11 5.62
CA ALA B 147 -22.67 19.43 4.23
C ALA B 147 -22.40 18.27 3.28
N GLU B 148 -23.25 18.14 2.27
CA GLU B 148 -23.13 17.09 1.25
C GLU B 148 -23.22 17.73 -0.12
N TYR B 149 -22.08 17.95 -0.75
CA TYR B 149 -22.05 18.58 -2.07
C TYR B 149 -22.14 17.57 -3.20
N LYS B 150 -22.36 18.06 -4.40
CA LYS B 150 -22.48 17.22 -5.59
C LYS B 150 -21.13 17.08 -6.27
N VAL B 151 -20.74 15.84 -6.55
CA VAL B 151 -19.47 15.56 -7.21
C VAL B 151 -19.37 16.27 -8.55
N GLU B 152 -20.50 16.30 -9.27
CA GLU B 152 -20.54 16.95 -10.58
C GLU B 152 -20.36 18.46 -10.44
N GLY B 153 -20.65 18.98 -9.25
CA GLY B 153 -20.51 20.40 -9.00
C GLY B 153 -19.08 20.78 -8.69
N ILE B 154 -18.43 19.95 -7.88
CA ILE B 154 -17.04 20.19 -7.50
C ILE B 154 -16.12 20.09 -8.70
N MET B 155 -16.31 19.04 -9.50
CA MET B 155 -15.49 18.84 -10.70
C MET B 155 -15.77 19.91 -11.74
N SER B 156 -16.98 20.47 -11.69
CA SER B 156 -17.37 21.51 -12.64
C SER B 156 -16.64 22.81 -12.29
N ALA B 157 -16.54 23.09 -11.00
CA ALA B 157 -15.86 24.31 -10.54
C ALA B 157 -14.38 24.26 -10.94
N ILE B 158 -13.73 23.16 -10.60
CA ILE B 158 -12.31 23.00 -10.94
C ILE B 158 -12.13 23.07 -12.45
N GLN B 159 -13.10 22.50 -13.17
CA GLN B 159 -13.07 22.49 -14.63
C GLN B 159 -13.00 23.90 -15.24
N SER B 160 -13.88 24.79 -14.78
CA SER B 160 -13.92 26.15 -15.30
C SER B 160 -12.73 26.99 -14.84
N ALA B 161 -12.00 26.51 -13.83
CA ALA B 161 -10.86 27.24 -13.32
C ALA B 161 -9.57 26.81 -14.01
N LEU B 162 -9.39 25.50 -14.17
CA LEU B 162 -8.20 24.96 -14.79
C LEU B 162 -8.37 24.65 -16.28
N ARG B 163 -9.62 24.62 -16.74
CA ARG B 163 -9.92 24.33 -18.13
C ARG B 163 -9.58 22.88 -18.45
N VAL B 164 -9.35 22.09 -17.41
CA VAL B 164 -9.07 20.67 -17.56
C VAL B 164 -9.91 19.91 -16.52
N THR B 165 -10.29 18.69 -16.87
CA THR B 165 -11.11 17.88 -15.97
C THR B 165 -10.27 17.05 -15.02
N PRO B 166 -10.47 17.24 -13.71
CA PRO B 166 -9.72 16.49 -12.71
C PRO B 166 -10.31 15.11 -12.47
N VAL B 167 -9.53 14.25 -11.82
CA VAL B 167 -9.99 12.91 -11.48
C VAL B 167 -10.18 12.91 -9.97
N VAL B 168 -11.33 12.43 -9.52
CA VAL B 168 -11.62 12.41 -8.09
C VAL B 168 -11.77 10.99 -7.53
N LYS B 169 -11.27 10.80 -6.32
CA LYS B 169 -11.35 9.51 -5.63
C LYS B 169 -11.93 9.78 -4.25
N CYS B 170 -12.99 9.07 -3.90
CA CYS B 170 -13.63 9.26 -2.60
C CYS B 170 -13.50 8.07 -1.68
N LYS B 171 -13.66 8.32 -0.39
CA LYS B 171 -13.58 7.28 0.62
C LYS B 171 -14.93 7.17 1.32
N SER B 172 -15.90 6.60 0.62
CA SER B 172 -17.26 6.43 1.14
C SER B 172 -17.87 7.77 1.53
N ASP B 173 -18.38 8.49 0.54
CA ASP B 173 -19.01 9.79 0.78
C ASP B 173 -18.02 10.77 1.40
N ALA B 174 -16.86 10.92 0.76
CA ALA B 174 -15.83 11.83 1.26
C ALA B 174 -14.70 11.95 0.25
N VAL B 175 -14.52 13.16 -0.29
CA VAL B 175 -13.47 13.41 -1.26
C VAL B 175 -12.12 13.19 -0.60
N GLU B 176 -11.39 12.17 -1.06
CA GLU B 176 -10.09 11.84 -0.50
C GLU B 176 -8.92 12.29 -1.37
N GLN B 177 -9.08 12.17 -2.68
CA GLN B 177 -7.99 12.53 -3.57
C GLN B 177 -8.45 13.19 -4.87
N VAL B 178 -7.74 14.25 -5.26
CA VAL B 178 -8.04 14.97 -6.50
C VAL B 178 -6.79 14.91 -7.39
N GLN B 179 -6.98 14.53 -8.64
CA GLN B 179 -5.87 14.43 -9.57
C GLN B 179 -5.95 15.43 -10.72
N ILE B 180 -4.81 16.06 -11.01
CA ILE B 180 -4.67 17.03 -12.09
C ILE B 180 -3.47 16.59 -12.93
N CYS B 181 -3.59 16.62 -14.25
CA CYS B 181 -2.48 16.18 -15.08
C CYS B 181 -1.76 17.31 -15.83
N PHE B 182 -0.45 17.14 -16.05
CA PHE B 182 0.37 18.13 -16.74
C PHE B 182 1.28 17.45 -17.78
N ASP B 183 1.55 18.14 -18.90
CA ASP B 183 2.45 17.58 -19.90
C ASP B 183 3.89 17.81 -19.42
N LYS B 184 4.86 17.32 -20.19
CA LYS B 184 6.26 17.47 -19.83
C LYS B 184 6.77 18.90 -19.85
N THR B 185 5.92 19.84 -20.26
CA THR B 185 6.31 21.24 -20.26
C THR B 185 5.52 21.95 -19.15
N LEU B 186 5.01 21.15 -18.21
CA LEU B 186 4.27 21.65 -17.05
C LEU B 186 2.96 22.37 -17.35
N GLN B 187 2.40 22.13 -18.53
CA GLN B 187 1.13 22.74 -18.91
C GLN B 187 0.01 21.77 -18.58
N LEU B 188 -1.05 22.30 -17.97
CA LEU B 188 -2.21 21.50 -17.61
C LEU B 188 -2.69 20.71 -18.83
N GLN B 189 -3.12 19.48 -18.61
CA GLN B 189 -3.65 18.66 -19.70
C GLN B 189 -4.73 17.77 -19.11
N GLU B 190 -5.46 17.07 -19.97
CA GLU B 190 -6.50 16.17 -19.53
C GLU B 190 -5.82 14.89 -19.07
N CYS B 191 -6.39 14.26 -18.03
CA CYS B 191 -5.86 13.00 -17.54
C CYS B 191 -6.51 11.93 -18.40
N PRO B 192 -5.94 10.71 -18.43
CA PRO B 192 -6.55 9.65 -19.24
C PRO B 192 -7.96 9.32 -18.74
N SER B 193 -8.83 8.91 -19.66
CA SER B 193 -10.21 8.56 -19.32
C SER B 193 -10.25 7.59 -18.14
N THR B 194 -10.96 7.99 -17.08
CA THR B 194 -11.08 7.17 -15.88
C THR B 194 -12.54 7.11 -15.41
N ALA B 195 -12.98 5.92 -15.01
CA ALA B 195 -14.36 5.72 -14.55
C ALA B 195 -14.55 6.33 -13.16
N SER B 196 -15.71 6.93 -12.92
CA SER B 196 -16.02 7.54 -11.64
C SER B 196 -16.03 6.50 -10.52
N THR B 197 -15.63 6.92 -9.33
CA THR B 197 -15.59 6.02 -8.18
C THR B 197 -16.24 6.68 -6.97
N CYS B 198 -16.75 7.89 -7.17
CA CYS B 198 -17.40 8.64 -6.10
C CYS B 198 -18.93 8.57 -6.22
N PRO B 199 -19.63 8.63 -5.09
CA PRO B 199 -21.09 8.58 -5.11
C PRO B 199 -21.67 9.89 -5.65
N SER B 200 -22.98 9.96 -5.75
CA SER B 200 -23.64 11.17 -6.27
C SER B 200 -23.28 12.39 -5.42
N LEU B 201 -23.31 12.21 -4.10
CA LEU B 201 -22.99 13.30 -3.18
C LEU B 201 -21.79 12.95 -2.31
N VAL B 202 -20.89 13.92 -2.15
CA VAL B 202 -19.69 13.72 -1.35
C VAL B 202 -19.53 14.84 -0.34
N SER B 203 -18.67 14.63 0.66
CA SER B 203 -18.44 15.63 1.69
C SER B 203 -16.97 16.04 1.80
N LEU B 204 -16.75 17.20 2.42
CA LEU B 204 -15.41 17.73 2.61
C LEU B 204 -15.17 17.95 4.11
N PRO B 205 -14.95 16.87 4.87
CA PRO B 205 -14.71 16.96 6.31
C PRO B 205 -13.53 17.86 6.70
N ILE B 206 -13.61 18.44 7.89
CA ILE B 206 -12.56 19.33 8.38
C ILE B 206 -11.55 18.53 9.21
N LYS B 207 -10.32 19.02 9.26
CA LYS B 207 -9.27 18.35 10.02
C LYS B 207 -9.14 19.01 11.40
N ASN B 208 -8.19 19.92 11.54
CA ASN B 208 -7.98 20.63 12.81
C ASN B 208 -7.79 19.68 13.99
#